data_2X62
#
_entry.id   2X62
#
_cell.length_a   116.617
_cell.length_b   116.617
_cell.length_c   46.836
_cell.angle_alpha   90.00
_cell.angle_beta   90.00
_cell.angle_gamma   90.00
#
_symmetry.space_group_name_H-M   'P 4'
#
loop_
_entity.id
_entity.type
_entity.pdbx_description
1 polymer ALPHA-2,3-/2,8-SIALYLTRANSFERASE
2 non-polymer 1,2-ETHANEDIOL
3 non-polymer "N3-PROTONATED CYTIDINE-5'-MONOPHOSPHATE"
4 water water
#
_entity_poly.entity_id   1
_entity_poly.type   'polypeptide(L)'
_entity_poly.pdbx_seq_one_letter_code
;MKKVIIAGNGPSLKEIDYSRLPNDFDVFRCNQFYFEDKYYLGKKCKAVFYNPSLFFEQYYTLKHLIQNQEYETELIMCSN
FNQAHLENENFVKTFYDYFPDAHLGYDFFKQLKDFNAYFKFHEIYFNQRITSGVYMCAVAIALGYKEIYLSGIDFYQNGS
SYAFDTKQKNLLKLAPNFKNDNSHYIGHSKNTDIKALEFLEKTYKIKLYCLCPNSLLANFIGLAPNLNSNFIIQEKNNYT
KDILIPSSEAYGKFSKNIN
;
_entity_poly.pdbx_strand_id   A,B
#
loop_
_chem_comp.id
_chem_comp.type
_chem_comp.name
_chem_comp.formula
CH RNA linking 'N3-PROTONATED CYTIDINE-5'-MONOPHOSPHATE' 'C9 H15 N3 O8 P 1'
EDO non-polymer 1,2-ETHANEDIOL 'C2 H6 O2'
#
# COMPACT_ATOMS: atom_id res chain seq x y z
N LYS A 2 4.34 -32.56 -7.38
CA LYS A 2 4.18 -31.10 -7.61
C LYS A 2 4.92 -30.26 -6.56
N LYS A 3 5.19 -29.01 -6.89
CA LYS A 3 5.82 -28.10 -5.96
C LYS A 3 4.75 -27.32 -5.24
N VAL A 4 5.13 -26.58 -4.20
CA VAL A 4 4.16 -25.78 -3.46
C VAL A 4 4.65 -24.40 -3.18
N ILE A 5 3.78 -23.44 -3.41
CA ILE A 5 4.01 -22.08 -2.95
C ILE A 5 3.11 -21.88 -1.74
N ILE A 6 3.75 -21.55 -0.61
CA ILE A 6 3.07 -21.27 0.62
C ILE A 6 3.14 -19.78 0.91
N ALA A 7 1.99 -19.13 1.02
CA ALA A 7 1.97 -17.68 1.18
C ALA A 7 1.42 -17.21 2.52
N GLY A 8 2.21 -16.47 3.29
CA GLY A 8 1.66 -15.74 4.43
C GLY A 8 1.09 -14.46 3.85
N ASN A 9 0.63 -13.54 4.70
CA ASN A 9 -0.05 -12.35 4.19
C ASN A 9 0.70 -11.07 4.44
N GLY A 10 1.99 -11.16 4.70
CA GLY A 10 2.84 -10.00 4.89
C GLY A 10 3.06 -9.22 3.62
N PRO A 11 3.65 -8.02 3.75
CA PRO A 11 3.85 -7.09 2.65
C PRO A 11 4.62 -7.72 1.47
N SER A 12 5.53 -8.66 1.75
CA SER A 12 6.29 -9.27 0.66
C SER A 12 5.43 -10.09 -0.31
N LEU A 13 4.19 -10.40 0.05
CA LEU A 13 3.26 -11.03 -0.88
C LEU A 13 3.16 -10.24 -2.21
N LYS A 14 3.41 -8.93 -2.11
CA LYS A 14 3.34 -7.99 -3.22
C LYS A 14 4.67 -7.78 -3.90
N GLU A 15 5.69 -8.54 -3.48
CA GLU A 15 7.05 -8.28 -3.97
C GLU A 15 7.71 -9.58 -4.38
N ILE A 16 6.89 -10.47 -4.90
CA ILE A 16 7.36 -11.73 -5.47
C ILE A 16 8.11 -11.46 -6.76
N ASP A 17 9.28 -12.12 -6.91
CA ASP A 17 10.04 -12.05 -8.15
C ASP A 17 9.55 -13.16 -9.05
N TYR A 18 8.68 -12.82 -9.99
CA TYR A 18 7.89 -13.85 -10.64
C TYR A 18 8.69 -14.69 -11.63
N SER A 19 9.88 -14.24 -11.98
CA SER A 19 10.74 -15.03 -12.85
C SER A 19 11.34 -16.22 -12.09
N ARG A 20 11.12 -16.23 -10.78
CA ARG A 20 11.60 -17.32 -9.90
C ARG A 20 10.48 -18.31 -9.55
N LEU A 21 9.32 -18.10 -10.17
CA LEU A 21 8.16 -18.95 -9.97
C LEU A 21 8.41 -20.31 -10.61
N PRO A 22 8.20 -21.38 -9.86
CA PRO A 22 8.49 -22.71 -10.36
C PRO A 22 7.50 -23.10 -11.44
N ASN A 23 7.81 -24.18 -12.16
CA ASN A 23 7.02 -24.64 -13.31
C ASN A 23 5.61 -25.05 -12.93
N ASP A 24 5.54 -26.04 -12.03
CA ASP A 24 4.34 -26.83 -11.80
C ASP A 24 3.97 -26.78 -10.29
N PHE A 25 3.11 -25.84 -9.89
CA PHE A 25 2.86 -25.63 -8.47
C PHE A 25 1.40 -25.57 -8.01
N ASP A 26 1.22 -25.94 -6.73
CA ASP A 26 0.00 -25.73 -5.99
C ASP A 26 0.24 -24.53 -5.08
N VAL A 27 -0.84 -23.87 -4.67
CA VAL A 27 -0.77 -22.70 -3.79
C VAL A 27 -1.49 -22.93 -2.48
N PHE A 28 -0.82 -22.61 -1.36
CA PHE A 28 -1.43 -22.63 -0.04
C PHE A 28 -1.64 -21.20 0.44
N ARG A 29 -2.88 -20.85 0.78
CA ARG A 29 -3.21 -19.55 1.33
C ARG A 29 -3.78 -19.71 2.74
N CYS A 30 -3.82 -18.63 3.51
CA CYS A 30 -4.37 -18.70 4.84
C CYS A 30 -5.09 -17.44 5.22
N ASN A 31 -5.95 -17.57 6.23
CA ASN A 31 -6.59 -16.44 6.92
C ASN A 31 -7.15 -15.36 5.99
N GLN A 32 -6.77 -14.10 6.18
CA GLN A 32 -7.37 -13.01 5.39
C GLN A 32 -6.76 -12.85 4.00
N PHE A 33 -6.28 -13.94 3.41
CA PHE A 33 -5.60 -13.88 2.11
C PHE A 33 -6.48 -13.16 1.09
N TYR A 34 -7.78 -13.39 1.17
CA TYR A 34 -8.68 -12.83 0.19
C TYR A 34 -8.77 -11.29 0.23
N PHE A 35 -8.23 -10.65 1.26
CA PHE A 35 -8.18 -9.17 1.30
C PHE A 35 -7.20 -8.62 0.26
N GLU A 36 -6.44 -9.46 -0.43
CA GLU A 36 -5.45 -8.98 -1.39
C GLU A 36 -6.10 -8.21 -2.55
N ASP A 37 -5.44 -7.19 -3.07
CA ASP A 37 -6.05 -6.33 -4.05
C ASP A 37 -5.78 -6.78 -5.48
N LYS A 38 -4.85 -7.72 -5.62
CA LYS A 38 -4.62 -8.40 -6.91
C LYS A 38 -4.44 -9.87 -6.63
N TYR A 39 -4.59 -10.70 -7.67
CA TYR A 39 -4.38 -12.12 -7.52
C TYR A 39 -2.89 -12.44 -7.61
N TYR A 40 -2.16 -12.10 -6.54
CA TYR A 40 -0.70 -12.24 -6.51
C TYR A 40 -0.19 -13.67 -6.78
N LEU A 41 -1.05 -14.65 -6.52
CA LEU A 41 -0.67 -16.02 -6.77
C LEU A 41 -1.77 -16.76 -7.49
N GLY A 42 -2.63 -16.03 -8.20
CA GLY A 42 -3.77 -16.64 -8.91
C GLY A 42 -5.00 -16.89 -8.03
N LYS A 43 -6.06 -17.39 -8.67
CA LYS A 43 -7.38 -17.60 -8.06
C LYS A 43 -7.55 -18.99 -7.50
N LYS A 44 -6.62 -19.86 -7.87
CA LYS A 44 -6.76 -21.28 -7.63
C LYS A 44 -5.86 -21.71 -6.51
N CYS A 45 -6.44 -22.27 -5.46
CA CYS A 45 -5.66 -22.70 -4.31
C CYS A 45 -5.74 -24.19 -4.19
N LYS A 46 -4.64 -24.81 -3.79
CA LYS A 46 -4.68 -26.23 -3.47
C LYS A 46 -5.36 -26.36 -2.10
N ALA A 47 -5.04 -25.44 -1.21
CA ALA A 47 -5.56 -25.48 0.14
C ALA A 47 -5.60 -24.08 0.71
N VAL A 48 -6.61 -23.83 1.55
CA VAL A 48 -6.69 -22.61 2.32
C VAL A 48 -6.82 -22.98 3.80
N PHE A 49 -6.14 -22.26 4.67
CA PHE A 49 -6.08 -22.58 6.08
C PHE A 49 -6.69 -21.46 6.89
N TYR A 50 -7.43 -21.82 7.93
CA TYR A 50 -8.04 -20.83 8.82
C TYR A 50 -7.86 -21.23 10.27
N ASN A 51 -7.62 -20.23 11.12
CA ASN A 51 -7.50 -20.46 12.56
C ASN A 51 -8.82 -20.99 13.13
N PRO A 52 -8.74 -21.80 14.19
CA PRO A 52 -9.95 -22.23 14.85
C PRO A 52 -10.86 -21.07 15.32
N SER A 53 -10.27 -19.96 15.77
CA SER A 53 -11.11 -18.93 16.43
C SER A 53 -12.05 -18.19 15.46
N LEU A 54 -11.70 -18.06 14.19
CA LEU A 54 -12.72 -17.51 13.29
C LEU A 54 -13.17 -18.46 12.19
N PHE A 55 -13.12 -19.77 12.45
CA PHE A 55 -13.34 -20.75 11.39
C PHE A 55 -14.78 -20.74 10.90
N PHE A 56 -15.72 -20.58 11.84
CA PHE A 56 -17.15 -20.56 11.50
C PHE A 56 -17.49 -19.50 10.45
N GLU A 57 -16.99 -18.28 10.68
CA GLU A 57 -17.19 -17.14 9.81
C GLU A 57 -16.33 -17.23 8.53
N GLN A 58 -15.10 -17.73 8.66
CA GLN A 58 -14.22 -17.89 7.49
C GLN A 58 -14.74 -18.96 6.51
N TYR A 59 -15.36 -20.01 7.05
CA TYR A 59 -15.94 -21.07 6.20
C TYR A 59 -17.12 -20.53 5.35
N TYR A 60 -17.98 -19.76 6.02
CA TYR A 60 -19.13 -19.09 5.42
C TYR A 60 -18.63 -18.13 4.36
N THR A 61 -17.56 -17.40 4.66
CA THR A 61 -17.02 -16.43 3.70
C THR A 61 -16.43 -17.14 2.49
N LEU A 62 -15.73 -18.24 2.73
CA LEU A 62 -15.13 -18.98 1.64
C LEU A 62 -16.16 -19.51 0.65
N LYS A 63 -17.30 -19.99 1.16
CA LYS A 63 -18.36 -20.47 0.30
C LYS A 63 -18.86 -19.34 -0.59
N HIS A 64 -18.87 -18.11 -0.09
CA HIS A 64 -19.25 -16.98 -0.93
C HIS A 64 -18.17 -16.69 -1.98
N LEU A 65 -16.91 -16.81 -1.57
CA LEU A 65 -15.80 -16.54 -2.49
C LEU A 65 -15.88 -17.48 -3.68
N ILE A 66 -16.12 -18.75 -3.41
CA ILE A 66 -16.20 -19.76 -4.45
C ILE A 66 -17.40 -19.53 -5.36
N GLN A 67 -18.56 -19.39 -4.74
CA GLN A 67 -19.79 -19.19 -5.48
C GLN A 67 -19.69 -17.93 -6.35
N ASN A 68 -19.02 -16.91 -5.84
CA ASN A 68 -18.87 -15.65 -6.54
C ASN A 68 -17.69 -15.67 -7.53
N GLN A 69 -17.03 -16.83 -7.59
CA GLN A 69 -15.94 -17.09 -8.56
C GLN A 69 -14.68 -16.23 -8.35
N GLU A 70 -14.43 -15.82 -7.12
CA GLU A 70 -13.22 -15.09 -6.77
C GLU A 70 -12.03 -16.04 -6.52
N TYR A 71 -12.29 -17.14 -5.83
CA TYR A 71 -11.29 -18.16 -5.69
C TYR A 71 -11.86 -19.55 -5.86
N GLU A 72 -10.99 -20.52 -6.02
CA GLU A 72 -11.38 -21.88 -5.75
C GLU A 72 -10.30 -22.54 -4.92
N THR A 73 -10.67 -23.59 -4.22
CA THR A 73 -9.69 -24.34 -3.48
C THR A 73 -10.14 -25.79 -3.43
N GLU A 74 -9.17 -26.69 -3.50
CA GLU A 74 -9.50 -28.08 -3.35
C GLU A 74 -9.66 -28.49 -1.88
N LEU A 75 -8.84 -27.94 -0.98
CA LEU A 75 -8.86 -28.39 0.41
C LEU A 75 -9.15 -27.23 1.34
N ILE A 76 -9.83 -27.53 2.43
CA ILE A 76 -10.10 -26.54 3.46
C ILE A 76 -9.60 -27.08 4.80
N MET A 77 -8.66 -26.35 5.42
CA MET A 77 -8.02 -26.77 6.64
C MET A 77 -8.25 -25.80 7.80
N CYS A 78 -8.54 -26.36 8.98
CA CYS A 78 -8.41 -25.65 10.26
C CYS A 78 -7.05 -25.94 10.90
N SER A 79 -6.33 -24.88 11.29
CA SER A 79 -4.99 -25.02 11.85
C SER A 79 -5.04 -25.19 13.37
N ASN A 80 -5.35 -26.39 13.78
CA ASN A 80 -5.45 -26.75 15.17
C ASN A 80 -4.27 -27.61 15.58
N PHE A 81 -4.19 -27.85 16.88
CA PHE A 81 -3.03 -28.47 17.50
C PHE A 81 -3.41 -29.48 18.58
N ASN A 82 -4.70 -29.69 18.82
CA ASN A 82 -5.16 -30.54 19.94
C ASN A 82 -4.55 -30.07 21.26
N GLN A 83 -4.75 -28.79 21.53
CA GLN A 83 -4.38 -28.12 22.77
C GLN A 83 -5.56 -27.34 23.33
N ALA A 84 -5.97 -27.67 24.53
CA ALA A 84 -7.13 -27.02 25.12
C ALA A 84 -6.96 -25.51 25.23
N HIS A 85 -5.73 -25.02 25.42
CA HIS A 85 -5.54 -23.56 25.53
C HIS A 85 -5.56 -22.84 24.17
N LEU A 86 -5.56 -23.58 23.06
CA LEU A 86 -5.52 -22.96 21.72
C LEU A 86 -6.81 -23.12 20.89
N GLU A 87 -7.71 -24.01 21.27
CA GLU A 87 -8.92 -24.23 20.49
C GLU A 87 -10.02 -24.81 21.37
N ASN A 88 -11.27 -24.61 20.96
CA ASN A 88 -12.44 -25.15 21.65
C ASN A 88 -12.56 -26.65 21.41
N GLU A 89 -12.76 -27.40 22.49
CA GLU A 89 -12.74 -28.87 22.45
C GLU A 89 -13.93 -29.47 21.71
N ASN A 90 -15.12 -28.92 21.89
CA ASN A 90 -16.26 -29.44 21.17
C ASN A 90 -16.20 -29.08 19.67
N PHE A 91 -15.58 -27.94 19.34
CA PHE A 91 -15.35 -27.56 17.95
C PHE A 91 -14.57 -28.64 17.21
N VAL A 92 -13.52 -29.13 17.85
CA VAL A 92 -12.63 -30.11 17.23
C VAL A 92 -13.32 -31.49 17.19
N LYS A 93 -14.01 -31.83 18.26
CA LYS A 93 -14.71 -33.12 18.36
C LYS A 93 -15.81 -33.28 17.27
N THR A 94 -16.54 -32.21 16.98
CA THR A 94 -17.67 -32.30 16.05
C THR A 94 -17.36 -31.76 14.67
N PHE A 95 -16.10 -31.37 14.47
CA PHE A 95 -15.67 -30.66 13.25
C PHE A 95 -16.16 -31.25 11.94
N TYR A 96 -15.90 -32.54 11.75
CA TYR A 96 -16.19 -33.21 10.48
C TYR A 96 -17.69 -33.32 10.18
N ASP A 97 -18.51 -33.13 11.20
CA ASP A 97 -19.94 -33.23 11.06
C ASP A 97 -20.53 -31.86 10.80
N TYR A 98 -19.82 -30.80 11.21
CA TYR A 98 -20.25 -29.44 10.89
C TYR A 98 -19.69 -28.95 9.56
N PHE A 99 -18.51 -29.48 9.19
CA PHE A 99 -17.81 -29.07 7.99
C PHE A 99 -17.32 -30.27 7.19
N PRO A 100 -18.24 -30.98 6.55
CA PRO A 100 -17.79 -32.30 6.13
C PRO A 100 -16.78 -32.31 5.00
N ASP A 101 -16.67 -31.19 4.25
CA ASP A 101 -15.67 -31.10 3.17
C ASP A 101 -14.36 -30.45 3.61
N ALA A 102 -14.20 -30.25 4.91
CA ALA A 102 -13.00 -29.65 5.44
C ALA A 102 -12.15 -30.66 6.18
N HIS A 103 -10.99 -30.22 6.62
CA HIS A 103 -10.07 -31.04 7.39
C HIS A 103 -9.56 -30.30 8.60
N LEU A 104 -9.37 -31.02 9.68
CA LEU A 104 -8.55 -30.52 10.78
C LEU A 104 -7.09 -30.70 10.36
N GLY A 105 -6.34 -29.60 10.33
CA GLY A 105 -4.95 -29.62 9.98
C GLY A 105 -4.10 -30.51 10.88
N TYR A 106 -4.49 -30.69 12.11
CA TYR A 106 -3.73 -31.56 13.03
C TYR A 106 -3.69 -33.00 12.55
N ASP A 107 -4.71 -33.45 11.80
CA ASP A 107 -4.67 -34.79 11.20
C ASP A 107 -3.39 -35.00 10.38
N PHE A 108 -2.92 -33.91 9.79
CA PHE A 108 -1.69 -33.91 9.01
C PHE A 108 -0.46 -33.47 9.82
N PHE A 109 -0.59 -32.39 10.58
CA PHE A 109 0.50 -31.89 11.40
C PHE A 109 1.05 -33.00 12.29
N LYS A 110 0.18 -33.78 12.90
CA LYS A 110 0.62 -34.76 13.88
C LYS A 110 1.37 -35.93 13.24
N GLN A 111 1.28 -36.06 11.91
CA GLN A 111 2.03 -37.11 11.22
C GLN A 111 3.54 -36.80 11.22
N LEU A 112 3.91 -35.55 11.50
CA LEU A 112 5.32 -35.16 11.62
C LEU A 112 5.65 -35.16 13.08
N LYS A 113 5.95 -36.33 13.61
CA LYS A 113 6.00 -36.49 15.03
C LYS A 113 7.11 -35.64 15.66
N ASP A 114 8.28 -35.63 15.08
CA ASP A 114 9.39 -34.84 15.63
C ASP A 114 9.03 -33.35 15.66
N PHE A 115 8.33 -32.90 14.64
CA PHE A 115 7.92 -31.51 14.60
C PHE A 115 6.77 -31.19 15.55
N ASN A 116 5.80 -32.09 15.67
CA ASN A 116 4.75 -31.91 16.66
C ASN A 116 5.39 -31.77 18.05
N ALA A 117 6.34 -32.65 18.36
CA ALA A 117 7.09 -32.56 19.60
C ALA A 117 7.84 -31.23 19.73
N TYR A 118 8.55 -30.84 18.66
CA TYR A 118 9.25 -29.56 18.64
C TYR A 118 8.29 -28.39 18.93
N PHE A 119 7.20 -28.31 18.16
CA PHE A 119 6.20 -27.27 18.36
C PHE A 119 5.65 -27.25 19.78
N LYS A 120 5.27 -28.42 20.29
CA LYS A 120 4.60 -28.51 21.58
C LYS A 120 5.55 -28.08 22.70
N PHE A 121 6.79 -28.53 22.63
CA PHE A 121 7.75 -28.20 23.70
C PHE A 121 7.98 -26.68 23.76
N HIS A 122 8.16 -26.06 22.60
CA HIS A 122 8.34 -24.63 22.57
C HIS A 122 7.09 -23.83 22.99
N GLU A 123 5.91 -24.24 22.53
CA GLU A 123 4.68 -23.54 22.87
C GLU A 123 4.36 -23.65 24.34
N ILE A 124 4.32 -24.89 24.86
CA ILE A 124 3.90 -25.14 26.23
C ILE A 124 4.87 -24.60 27.27
N TYR A 125 6.16 -24.82 27.06
CA TYR A 125 7.15 -24.52 28.08
C TYR A 125 7.81 -23.15 27.94
N PHE A 126 7.85 -22.60 26.73
CA PHE A 126 8.54 -21.32 26.49
C PHE A 126 7.66 -20.27 25.85
N ASN A 127 6.39 -20.60 25.69
CA ASN A 127 5.47 -19.70 25.03
C ASN A 127 6.01 -19.16 23.70
N GLN A 128 6.77 -19.99 22.99
CA GLN A 128 7.20 -19.67 21.61
C GLN A 128 6.34 -20.43 20.61
N ARG A 129 5.56 -19.69 19.83
CA ARG A 129 4.61 -20.27 18.90
C ARG A 129 4.94 -19.98 17.45
N ILE A 130 4.90 -21.00 16.63
CA ILE A 130 5.12 -20.77 15.20
C ILE A 130 3.88 -20.14 14.60
N THR A 131 4.05 -19.38 13.53
CA THR A 131 2.91 -18.73 12.86
C THR A 131 2.24 -19.67 11.87
N SER A 132 1.09 -19.26 11.36
CA SER A 132 0.34 -20.08 10.38
C SER A 132 1.17 -20.40 9.11
N GLY A 133 2.04 -19.49 8.73
CA GLY A 133 2.88 -19.74 7.59
C GLY A 133 3.75 -20.95 7.76
N VAL A 134 4.30 -21.15 8.96
CA VAL A 134 5.11 -22.34 9.21
C VAL A 134 4.24 -23.58 9.38
N TYR A 135 3.08 -23.40 9.98
CA TYR A 135 2.13 -24.49 10.13
C TYR A 135 1.81 -25.09 8.76
N MET A 136 1.55 -24.23 7.80
CA MET A 136 1.27 -24.63 6.45
C MET A 136 2.42 -25.41 5.82
N CYS A 137 3.67 -25.02 6.13
CA CYS A 137 4.83 -25.76 5.61
C CYS A 137 4.83 -27.18 6.15
N ALA A 138 4.46 -27.30 7.42
CA ALA A 138 4.43 -28.60 8.10
C ALA A 138 3.40 -29.48 7.47
N VAL A 139 2.21 -28.91 7.21
CA VAL A 139 1.13 -29.68 6.61
C VAL A 139 1.50 -30.09 5.20
N ALA A 140 2.25 -29.24 4.51
CA ALA A 140 2.66 -29.56 3.16
C ALA A 140 3.65 -30.73 3.15
N ILE A 141 4.58 -30.72 4.10
CA ILE A 141 5.57 -31.80 4.18
C ILE A 141 4.84 -33.10 4.53
N ALA A 142 3.87 -33.02 5.44
CA ALA A 142 3.05 -34.18 5.76
C ALA A 142 2.27 -34.69 4.53
N LEU A 143 1.82 -33.78 3.67
CA LEU A 143 1.15 -34.19 2.43
C LEU A 143 2.12 -34.64 1.32
N GLY A 144 3.43 -34.60 1.55
CA GLY A 144 4.37 -35.23 0.60
C GLY A 144 5.07 -34.27 -0.35
N TYR A 145 4.82 -32.98 -0.18
CA TYR A 145 5.50 -31.95 -0.92
C TYR A 145 6.95 -31.92 -0.48
N LYS A 146 7.85 -31.81 -1.45
CA LYS A 146 9.31 -31.91 -1.22
C LYS A 146 10.01 -30.58 -1.50
N GLU A 147 9.36 -29.68 -2.23
CA GLU A 147 9.94 -28.38 -2.55
C GLU A 147 8.94 -27.27 -2.27
N ILE A 148 9.31 -26.38 -1.38
CA ILE A 148 8.38 -25.41 -0.85
C ILE A 148 8.89 -24.00 -1.08
N TYR A 149 8.04 -23.21 -1.73
CA TYR A 149 8.43 -21.86 -2.12
C TYR A 149 7.68 -20.86 -1.25
N LEU A 150 8.40 -19.96 -0.60
CA LEU A 150 7.79 -19.16 0.42
C LEU A 150 7.65 -17.74 0.02
N SER A 151 6.52 -17.15 0.38
CA SER A 151 6.27 -15.74 0.19
C SER A 151 5.33 -15.21 1.28
N GLY A 152 5.35 -13.89 1.47
CA GLY A 152 4.43 -13.25 2.38
C GLY A 152 4.75 -13.52 3.83
N ILE A 153 5.92 -14.08 4.09
CA ILE A 153 6.36 -14.32 5.43
C ILE A 153 7.44 -13.31 5.82
N ASP A 154 7.10 -12.35 6.66
CA ASP A 154 7.95 -11.19 6.90
C ASP A 154 8.30 -10.98 8.37
N PHE A 155 7.69 -11.80 9.22
CA PHE A 155 7.98 -11.77 10.65
C PHE A 155 7.52 -10.48 11.32
N TYR A 156 6.48 -9.84 10.76
CA TYR A 156 5.87 -8.72 11.43
C TYR A 156 6.91 -7.63 11.72
N GLN A 157 7.66 -7.26 10.67
CA GLN A 157 8.73 -6.30 10.79
C GLN A 157 8.17 -4.93 10.46
N SER A 160 2.60 -1.64 7.06
CA SER A 160 3.65 -2.50 7.62
C SER A 160 3.18 -3.94 7.88
N SER A 161 2.01 -4.12 8.51
CA SER A 161 1.60 -5.44 8.99
C SER A 161 1.26 -6.45 7.90
N TYR A 162 0.37 -6.04 6.98
CA TYR A 162 -0.10 -6.94 5.95
C TYR A 162 0.03 -6.31 4.59
N ALA A 163 0.00 -7.15 3.57
CA ALA A 163 -0.02 -6.70 2.19
C ALA A 163 -1.30 -5.95 1.87
N PHE A 164 -2.18 -5.81 2.86
CA PHE A 164 -3.44 -5.07 2.65
C PHE A 164 -3.87 -4.42 3.95
N ASP A 165 -4.93 -3.61 3.87
CA ASP A 165 -5.53 -2.97 5.04
C ASP A 165 -6.48 -4.01 5.64
N THR A 166 -6.17 -4.54 6.82
CA THR A 166 -7.08 -5.49 7.48
C THR A 166 -8.10 -4.85 8.37
N LYS A 167 -8.03 -3.53 8.53
CA LYS A 167 -8.98 -2.85 9.40
C LYS A 167 -10.32 -2.69 8.69
N GLN A 168 -11.02 -3.80 8.50
CA GLN A 168 -12.31 -3.76 7.82
C GLN A 168 -13.40 -3.99 8.83
N LYS A 169 -14.59 -3.46 8.60
CA LYS A 169 -15.56 -3.31 9.68
C LYS A 169 -16.03 -4.63 10.31
N ASN A 170 -16.28 -5.66 9.51
CA ASN A 170 -16.74 -6.94 10.05
C ASN A 170 -15.64 -7.65 10.82
N LEU A 171 -14.46 -7.74 10.22
CA LEU A 171 -13.34 -8.34 10.93
C LEU A 171 -13.08 -7.62 12.27
N LEU A 172 -13.14 -6.29 12.28
CA LEU A 172 -12.94 -5.52 13.51
C LEU A 172 -14.02 -5.82 14.53
N LYS A 173 -15.26 -5.96 14.07
CA LYS A 173 -16.32 -6.39 14.99
C LYS A 173 -16.00 -7.79 15.53
N LEU A 174 -15.65 -8.74 14.68
CA LEU A 174 -15.36 -10.09 15.15
C LEU A 174 -14.14 -10.17 16.05
N ALA A 175 -13.11 -9.43 15.69
CA ALA A 175 -11.85 -9.49 16.42
C ALA A 175 -11.28 -8.09 16.55
N PRO A 176 -11.80 -7.31 17.51
CA PRO A 176 -11.48 -5.88 17.66
C PRO A 176 -9.98 -5.64 17.79
N ASN A 177 -9.24 -6.69 18.14
CA ASN A 177 -7.81 -6.59 18.35
C ASN A 177 -6.98 -6.28 17.07
N PHE A 178 -7.61 -6.31 15.90
CA PHE A 178 -6.91 -6.04 14.64
C PHE A 178 -6.63 -4.55 14.38
N LYS A 179 -6.70 -3.72 15.43
CA LYS A 179 -6.40 -2.28 15.32
C LYS A 179 -5.24 -1.85 16.22
N TYR A 185 0.20 -12.01 17.70
CA TYR A 185 0.47 -12.72 18.94
C TYR A 185 1.91 -12.49 19.45
N ILE A 186 2.03 -12.33 20.76
CA ILE A 186 3.29 -11.97 21.38
C ILE A 186 4.30 -13.14 21.47
N GLY A 187 3.83 -14.37 21.23
CA GLY A 187 4.68 -15.58 21.20
C GLY A 187 5.39 -15.79 19.87
N HIS A 188 5.00 -14.99 18.87
CA HIS A 188 5.64 -14.98 17.54
C HIS A 188 6.91 -14.13 17.54
N SER A 189 7.92 -14.62 16.83
CA SER A 189 9.15 -13.89 16.57
C SER A 189 9.69 -14.38 15.23
N LYS A 190 10.66 -13.67 14.68
CA LYS A 190 11.31 -14.16 13.47
C LYS A 190 12.16 -15.39 13.80
N ASN A 191 12.73 -15.41 15.00
CA ASN A 191 13.65 -16.46 15.39
C ASN A 191 12.92 -17.79 15.55
N THR A 192 11.76 -17.72 16.18
CA THR A 192 10.97 -18.92 16.37
C THR A 192 10.51 -19.48 15.02
N ASP A 193 10.09 -18.63 14.09
CA ASP A 193 9.73 -19.13 12.75
C ASP A 193 10.97 -19.65 12.00
N ILE A 194 12.07 -18.90 12.03
CA ILE A 194 13.26 -19.34 11.31
C ILE A 194 13.77 -20.68 11.85
N LYS A 195 13.88 -20.80 13.16
CA LYS A 195 14.35 -22.06 13.76
C LYS A 195 13.39 -23.21 13.46
N ALA A 196 12.10 -22.95 13.36
CA ALA A 196 11.16 -24.03 13.06
C ALA A 196 11.29 -24.51 11.61
N LEU A 197 11.48 -23.55 10.69
CA LEU A 197 11.68 -23.88 9.28
C LEU A 197 12.98 -24.66 9.05
N GLU A 198 14.06 -24.20 9.66
CA GLU A 198 15.31 -24.92 9.58
C GLU A 198 15.13 -26.35 10.12
N PHE A 199 14.31 -26.52 11.14
CA PHE A 199 14.13 -27.86 11.71
C PHE A 199 13.38 -28.75 10.71
N LEU A 200 12.32 -28.24 10.11
CA LEU A 200 11.58 -29.00 9.11
C LEU A 200 12.46 -29.41 7.92
N GLU A 201 13.26 -28.48 7.48
CA GLU A 201 14.09 -28.71 6.34
C GLU A 201 15.09 -29.85 6.58
N LYS A 202 15.84 -29.76 7.65
CA LYS A 202 16.83 -30.78 7.92
C LYS A 202 16.15 -32.10 8.32
N THR A 203 15.07 -32.02 9.09
CA THR A 203 14.51 -33.24 9.63
C THR A 203 13.83 -34.02 8.52
N TYR A 204 13.13 -33.35 7.61
CA TYR A 204 12.35 -34.07 6.62
C TYR A 204 12.96 -34.02 5.21
N LYS A 205 14.17 -33.50 5.08
CA LYS A 205 14.87 -33.60 3.80
C LYS A 205 14.04 -32.98 2.69
N ILE A 206 13.61 -31.76 2.91
CA ILE A 206 12.86 -31.07 1.89
C ILE A 206 13.60 -29.79 1.61
N LYS A 207 13.17 -29.07 0.60
CA LYS A 207 13.89 -27.90 0.18
C LYS A 207 13.02 -26.67 0.33
N LEU A 208 13.53 -25.65 1.02
CA LEU A 208 12.85 -24.36 1.16
C LEU A 208 13.43 -23.29 0.25
N TYR A 209 12.54 -22.54 -0.39
CA TYR A 209 12.99 -21.46 -1.26
C TYR A 209 12.27 -20.17 -0.92
N CYS A 210 12.89 -19.05 -1.25
CA CYS A 210 12.26 -17.79 -0.97
C CYS A 210 12.00 -17.01 -2.26
N LEU A 211 10.77 -16.57 -2.44
CA LEU A 211 10.33 -15.94 -3.69
C LEU A 211 10.46 -14.43 -3.62
N CYS A 212 10.85 -13.91 -2.46
CA CYS A 212 10.85 -12.48 -2.21
C CYS A 212 12.21 -12.01 -1.72
N PRO A 213 13.09 -11.61 -2.67
CA PRO A 213 14.48 -11.24 -2.42
C PRO A 213 14.60 -10.11 -1.43
N ASN A 214 13.54 -9.33 -1.29
CA ASN A 214 13.61 -8.18 -0.43
C ASN A 214 13.01 -8.40 0.96
N SER A 215 12.41 -9.56 1.18
CA SER A 215 11.97 -9.96 2.53
C SER A 215 13.14 -10.21 3.48
N LEU A 216 12.86 -10.07 4.77
CA LEU A 216 13.79 -10.48 5.79
C LEU A 216 14.02 -11.98 5.70
N LEU A 217 13.03 -12.69 5.17
CA LEU A 217 13.16 -14.13 4.93
C LEU A 217 14.40 -14.50 4.14
N ALA A 218 14.78 -13.64 3.20
CA ALA A 218 15.87 -13.95 2.26
C ALA A 218 17.23 -13.90 2.95
N ASN A 219 17.27 -13.34 4.14
CA ASN A 219 18.47 -13.44 4.95
C ASN A 219 18.76 -14.85 5.42
N PHE A 220 17.77 -15.73 5.34
CA PHE A 220 17.88 -17.03 6.01
C PHE A 220 17.61 -18.18 5.05
N ILE A 221 16.72 -17.95 4.10
CA ILE A 221 16.36 -18.99 3.15
C ILE A 221 16.83 -18.59 1.75
N GLY A 222 17.57 -19.47 1.07
CA GLY A 222 18.10 -19.18 -0.27
C GLY A 222 16.98 -18.90 -1.28
N LEU A 223 17.26 -18.08 -2.28
CA LEU A 223 16.26 -17.70 -3.27
C LEU A 223 15.91 -18.83 -4.22
N ALA A 224 14.68 -18.87 -4.67
CA ALA A 224 14.28 -19.84 -5.68
C ALA A 224 15.01 -19.47 -6.95
N PRO A 225 15.34 -20.45 -7.79
CA PRO A 225 16.18 -20.09 -8.94
C PRO A 225 15.42 -19.39 -10.07
N ASN A 226 16.07 -18.46 -10.74
CA ASN A 226 15.49 -17.82 -11.92
C ASN A 226 15.18 -18.87 -12.99
N LEU A 227 13.94 -18.86 -13.49
CA LEU A 227 13.57 -19.81 -14.54
C LEU A 227 12.92 -19.11 -15.76
N ASN A 228 13.03 -17.78 -15.78
CA ASN A 228 12.47 -16.99 -16.86
C ASN A 228 10.95 -17.06 -16.87
N SER A 229 10.38 -17.65 -15.84
CA SER A 229 8.95 -17.85 -15.81
C SER A 229 8.20 -16.55 -15.98
N ASN A 230 7.00 -16.64 -16.56
CA ASN A 230 6.12 -15.48 -16.63
C ASN A 230 4.89 -15.79 -15.79
N PHE A 231 4.17 -14.74 -15.41
CA PHE A 231 2.99 -14.89 -14.64
C PHE A 231 2.18 -13.64 -14.82
N ILE A 232 0.90 -13.79 -15.15
CA ILE A 232 -0.01 -12.66 -15.22
C ILE A 232 -0.65 -12.37 -13.87
N ILE A 233 -0.51 -11.12 -13.43
CA ILE A 233 -1.13 -10.69 -12.18
C ILE A 233 -2.48 -10.07 -12.47
N GLN A 234 -3.52 -10.89 -12.37
CA GLN A 234 -4.88 -10.43 -12.62
C GLN A 234 -5.38 -9.49 -11.51
N GLU A 235 -5.86 -8.31 -11.91
CA GLU A 235 -6.39 -7.32 -10.98
C GLU A 235 -7.71 -7.81 -10.41
N LYS A 236 -8.13 -7.20 -9.30
CA LYS A 236 -9.39 -7.56 -8.69
C LYS A 236 -10.31 -6.35 -8.64
N ASN A 237 -11.59 -6.55 -8.92
CA ASN A 237 -12.57 -5.47 -8.92
C ASN A 237 -13.87 -5.84 -8.23
N ASN A 238 -14.39 -4.93 -7.41
CA ASN A 238 -15.64 -5.20 -6.68
C ASN A 238 -15.56 -6.53 -5.96
N TYR A 239 -14.44 -6.78 -5.31
CA TYR A 239 -14.19 -8.07 -4.73
C TYR A 239 -14.47 -8.06 -3.24
N THR A 240 -14.51 -9.26 -2.66
CA THR A 240 -14.78 -9.45 -1.23
C THR A 240 -13.52 -9.14 -0.42
N LYS A 241 -13.56 -8.08 0.39
CA LYS A 241 -12.37 -7.66 1.09
C LYS A 241 -12.63 -7.48 2.56
N ASP A 242 -13.67 -8.17 3.03
CA ASP A 242 -13.95 -8.26 4.44
C ASP A 242 -14.57 -9.62 4.68
N ILE A 243 -14.43 -10.09 5.91
CA ILE A 243 -15.05 -11.33 6.34
C ILE A 243 -16.55 -11.14 6.44
N LEU A 244 -17.30 -12.18 6.11
CA LEU A 244 -18.76 -12.14 6.26
C LEU A 244 -19.18 -12.68 7.61
N ILE A 245 -20.29 -12.14 8.12
CA ILE A 245 -20.83 -12.51 9.41
C ILE A 245 -22.13 -13.27 9.29
N PRO A 246 -22.16 -14.51 9.80
CA PRO A 246 -23.38 -15.35 9.75
C PRO A 246 -24.55 -14.81 10.57
N SER A 247 -25.76 -15.27 10.25
CA SER A 247 -26.98 -14.81 10.95
C SER A 247 -26.95 -15.28 12.40
N SER A 248 -27.82 -14.74 13.23
CA SER A 248 -27.90 -15.17 14.63
C SER A 248 -28.42 -16.60 14.75
N GLU A 249 -29.30 -17.00 13.86
CA GLU A 249 -29.75 -18.40 13.77
C GLU A 249 -28.53 -19.33 13.55
N ALA A 250 -27.69 -19.00 12.58
CA ALA A 250 -26.46 -19.78 12.38
C ALA A 250 -25.65 -19.88 13.68
N TYR A 251 -25.38 -18.74 14.29
CA TYR A 251 -24.61 -18.68 15.54
C TYR A 251 -25.23 -19.54 16.63
N GLY A 252 -26.56 -19.48 16.75
CA GLY A 252 -27.26 -20.24 17.79
C GLY A 252 -27.02 -21.73 17.55
N LYS A 253 -26.94 -22.14 16.30
CA LYS A 253 -26.70 -23.55 16.05
C LYS A 253 -25.23 -23.98 16.27
N PHE A 254 -24.31 -23.04 16.28
CA PHE A 254 -22.91 -23.40 16.38
C PHE A 254 -22.34 -23.07 17.76
N SER A 255 -23.20 -22.59 18.65
CA SER A 255 -22.75 -21.92 19.88
C SER A 255 -22.00 -22.85 20.86
N LYS A 256 -22.25 -24.15 20.81
CA LYS A 256 -21.49 -25.08 21.66
C LYS A 256 -20.00 -25.15 21.25
N ASN A 257 -19.68 -24.53 20.12
CA ASN A 257 -18.40 -24.75 19.43
C ASN A 257 -17.49 -23.51 19.35
N ILE A 258 -17.89 -22.42 19.98
CA ILE A 258 -17.11 -21.17 19.86
C ILE A 258 -16.60 -20.69 21.22
N ASN A 259 -17.47 -20.77 22.22
CA ASN A 259 -17.17 -20.26 23.58
C ASN A 259 -18.02 -19.04 23.92
N MET B 1 12.70 8.89 -20.65
CA MET B 1 12.62 8.72 -19.18
C MET B 1 11.18 8.58 -18.72
N LYS B 2 10.36 7.91 -19.54
CA LYS B 2 8.97 7.66 -19.16
C LYS B 2 8.17 8.97 -19.18
N LYS B 3 6.84 8.85 -19.22
CA LYS B 3 5.96 10.00 -19.25
C LYS B 3 5.48 10.27 -17.83
N VAL B 4 5.09 11.51 -17.55
CA VAL B 4 4.62 11.81 -16.19
C VAL B 4 3.31 12.55 -16.17
N ILE B 5 2.42 12.13 -15.29
CA ILE B 5 1.23 12.88 -15.02
C ILE B 5 1.43 13.71 -13.76
N ILE B 6 1.26 15.02 -13.91
CA ILE B 6 1.34 15.93 -12.78
C ILE B 6 -0.05 16.45 -12.43
N ALA B 7 -0.44 16.26 -11.18
CA ALA B 7 -1.79 16.61 -10.75
C ALA B 7 -1.81 17.76 -9.74
N GLY B 8 -2.46 18.86 -10.09
CA GLY B 8 -2.84 19.85 -9.09
C GLY B 8 -4.06 19.27 -8.40
N ASN B 9 -4.64 19.97 -7.44
CA ASN B 9 -5.79 19.44 -6.70
C ASN B 9 -7.09 20.22 -6.97
N GLY B 10 -7.17 20.82 -8.15
CA GLY B 10 -8.36 21.57 -8.55
C GLY B 10 -9.49 20.63 -8.92
N PRO B 11 -10.70 21.17 -9.11
CA PRO B 11 -11.89 20.38 -9.39
C PRO B 11 -11.74 19.50 -10.62
N SER B 12 -10.91 19.91 -11.59
CA SER B 12 -10.74 19.13 -12.81
C SER B 12 -10.07 17.79 -12.50
N LEU B 13 -9.50 17.67 -11.32
CA LEU B 13 -8.94 16.39 -10.91
C LEU B 13 -10.00 15.29 -11.01
N LYS B 14 -11.27 15.65 -10.80
CA LYS B 14 -12.39 14.71 -10.97
C LYS B 14 -12.86 14.53 -12.42
N GLU B 15 -12.35 15.35 -13.34
CA GLU B 15 -12.89 15.30 -14.69
C GLU B 15 -11.85 14.95 -15.73
N ILE B 16 -10.94 14.06 -15.37
CA ILE B 16 -9.98 13.54 -16.32
C ILE B 16 -10.72 12.74 -17.39
N ASP B 17 -10.30 12.90 -18.64
CA ASP B 17 -10.79 12.00 -19.68
C ASP B 17 -9.84 10.84 -19.82
N TYR B 18 -10.16 9.73 -19.14
CA TYR B 18 -9.24 8.61 -19.00
C TYR B 18 -8.90 7.88 -20.32
N SER B 19 -9.69 8.09 -21.36
CA SER B 19 -9.36 7.50 -22.66
C SER B 19 -8.09 8.15 -23.23
N ARG B 20 -7.67 9.26 -22.64
CA ARG B 20 -6.46 9.98 -23.05
C ARG B 20 -5.27 9.76 -22.10
N LEU B 21 -5.49 8.95 -21.07
CA LEU B 21 -4.43 8.59 -20.13
C LEU B 21 -3.35 7.89 -20.92
N PRO B 22 -2.11 8.36 -20.79
CA PRO B 22 -0.98 7.72 -21.49
C PRO B 22 -0.79 6.28 -21.05
N ASN B 23 -0.01 5.52 -21.82
CA ASN B 23 0.14 4.09 -21.57
C ASN B 23 0.99 3.81 -20.33
N ASP B 24 2.20 4.37 -20.31
CA ASP B 24 3.13 4.10 -19.23
C ASP B 24 3.52 5.40 -18.58
N PHE B 25 3.05 5.63 -17.35
CA PHE B 25 3.32 6.91 -16.68
C PHE B 25 3.74 6.78 -15.20
N ASP B 26 4.40 7.82 -14.73
CA ASP B 26 4.64 8.04 -13.32
C ASP B 26 3.66 9.12 -12.90
N VAL B 27 3.46 9.29 -11.59
CA VAL B 27 2.51 10.28 -11.06
C VAL B 27 3.14 11.19 -10.00
N PHE B 28 2.96 12.51 -10.14
CA PHE B 28 3.37 13.48 -9.13
C PHE B 28 2.11 14.07 -8.46
N ARG B 29 2.05 14.08 -7.13
CA ARG B 29 0.94 14.66 -6.37
C ARG B 29 1.50 15.69 -5.39
N CYS B 30 0.63 16.55 -4.87
CA CYS B 30 1.08 17.55 -3.90
C CYS B 30 0.09 17.92 -2.82
N ASN B 31 0.64 18.49 -1.76
CA ASN B 31 -0.14 19.03 -0.66
C ASN B 31 -1.26 18.09 -0.21
N GLN B 32 -2.51 18.55 -0.25
CA GLN B 32 -3.62 17.77 0.27
C GLN B 32 -4.27 16.81 -0.73
N PHE B 33 -3.48 16.26 -1.66
CA PHE B 33 -3.98 15.28 -2.62
C PHE B 33 -4.73 14.14 -1.92
N TYR B 34 -4.29 13.76 -0.72
CA TYR B 34 -4.86 12.58 -0.04
C TYR B 34 -6.28 12.79 0.43
N PHE B 35 -6.77 14.03 0.34
CA PHE B 35 -8.16 14.34 0.72
C PHE B 35 -9.14 13.85 -0.36
N GLU B 36 -8.60 13.41 -1.50
CA GLU B 36 -9.44 12.99 -2.64
C GLU B 36 -10.32 11.77 -2.23
N ASP B 37 -11.57 11.74 -2.68
CA ASP B 37 -12.51 10.71 -2.24
C ASP B 37 -12.35 9.41 -3.02
N LYS B 38 -11.62 9.46 -4.12
CA LYS B 38 -11.32 8.28 -4.92
C LYS B 38 -9.90 8.39 -5.47
N TYR B 39 -9.38 7.26 -5.92
CA TYR B 39 -8.04 7.18 -6.45
C TYR B 39 -8.01 7.62 -7.91
N TYR B 40 -8.23 8.90 -8.13
CA TYR B 40 -8.38 9.42 -9.49
C TYR B 40 -7.17 9.12 -10.36
N LEU B 41 -6.01 8.97 -9.74
CA LEU B 41 -4.79 8.68 -10.46
C LEU B 41 -4.05 7.46 -9.90
N GLY B 42 -4.77 6.62 -9.14
CA GLY B 42 -4.21 5.40 -8.52
C GLY B 42 -3.47 5.63 -7.19
N LYS B 43 -2.94 4.58 -6.59
CA LYS B 43 -2.29 4.66 -5.29
C LYS B 43 -0.82 5.01 -5.40
N LYS B 44 -0.20 4.65 -6.51
CA LYS B 44 1.25 4.69 -6.60
C LYS B 44 1.71 6.01 -7.15
N CYS B 45 2.50 6.71 -6.35
CA CYS B 45 3.05 8.00 -6.71
C CYS B 45 4.53 7.83 -7.00
N LYS B 46 5.05 8.51 -8.01
CA LYS B 46 6.50 8.62 -8.12
C LYS B 46 7.03 9.64 -7.12
N ALA B 47 6.31 10.74 -6.98
CA ALA B 47 6.72 11.76 -6.04
C ALA B 47 5.55 12.48 -5.44
N VAL B 48 5.70 12.84 -4.18
CA VAL B 48 4.79 13.80 -3.57
C VAL B 48 5.56 15.03 -3.11
N PHE B 49 4.94 16.19 -3.30
CA PHE B 49 5.51 17.47 -2.94
C PHE B 49 4.64 18.11 -1.87
N TYR B 50 5.30 18.70 -0.87
CA TYR B 50 4.67 19.44 0.20
C TYR B 50 5.36 20.80 0.43
N ASN B 51 4.55 21.81 0.76
CA ASN B 51 5.07 23.14 1.01
C ASN B 51 5.95 23.13 2.23
N PRO B 52 6.92 24.04 2.29
CA PRO B 52 7.72 24.17 3.50
C PRO B 52 6.89 24.41 4.76
N SER B 53 5.84 25.21 4.69
CA SER B 53 5.19 25.62 5.94
C SER B 53 4.56 24.47 6.72
N LEU B 54 4.00 23.47 6.02
CA LEU B 54 3.45 22.31 6.73
C LEU B 54 4.25 21.01 6.52
N PHE B 55 5.51 21.10 6.12
CA PHE B 55 6.28 19.90 5.82
C PHE B 55 6.37 18.91 6.99
N PHE B 56 6.70 19.42 8.18
CA PHE B 56 6.81 18.60 9.41
C PHE B 56 5.58 17.71 9.59
N GLU B 57 4.40 18.30 9.41
CA GLU B 57 3.15 17.65 9.61
C GLU B 57 2.74 16.79 8.41
N GLN B 58 3.03 17.27 7.20
CA GLN B 58 2.74 16.49 6.00
C GLN B 58 3.60 15.22 5.96
N TYR B 59 4.84 15.34 6.42
CA TYR B 59 5.77 14.20 6.42
C TYR B 59 5.25 13.12 7.35
N TYR B 60 4.98 13.51 8.60
CA TYR B 60 4.24 12.67 9.58
C TYR B 60 3.05 11.96 8.95
N THR B 61 2.21 12.76 8.29
CA THR B 61 0.97 12.28 7.75
C THR B 61 1.23 11.28 6.64
N LEU B 62 2.26 11.55 5.83
CA LEU B 62 2.59 10.67 4.72
C LEU B 62 2.96 9.28 5.22
N LYS B 63 3.77 9.21 6.26
CA LYS B 63 4.20 7.93 6.76
C LYS B 63 3.01 7.06 7.20
N HIS B 64 1.98 7.64 7.78
CA HIS B 64 0.73 7.08 8.25
CA HIS B 64 0.70 7.08 8.23
C HIS B 64 -0.05 6.61 7.02
N LEU B 65 -0.09 7.44 5.98
CA LEU B 65 -0.69 7.07 4.70
C LEU B 65 -0.09 5.79 4.13
N ILE B 66 1.22 5.69 4.16
CA ILE B 66 1.96 4.53 3.61
C ILE B 66 1.81 3.28 4.50
N GLN B 67 1.97 3.46 5.80
CA GLN B 67 1.78 2.36 6.74
C GLN B 67 0.38 1.76 6.63
N ASN B 68 -0.58 2.64 6.37
CA ASN B 68 -2.00 2.28 6.28
C ASN B 68 -2.43 1.82 4.86
N GLN B 69 -1.47 1.65 3.96
CA GLN B 69 -1.74 1.07 2.65
C GLN B 69 -2.60 1.98 1.75
N GLU B 70 -2.59 3.28 2.01
CA GLU B 70 -3.43 4.21 1.26
C GLU B 70 -2.72 4.78 0.05
N TYR B 71 -1.43 5.08 0.18
CA TYR B 71 -0.61 5.48 -0.96
C TYR B 71 0.78 4.90 -0.88
N GLU B 72 1.53 5.03 -1.96
CA GLU B 72 2.94 4.77 -1.90
C GLU B 72 3.68 5.80 -2.74
N THR B 73 4.89 6.15 -2.32
CA THR B 73 5.67 7.11 -3.09
C THR B 73 7.14 6.74 -3.03
N GLU B 74 7.85 6.91 -4.15
CA GLU B 74 9.30 6.76 -4.14
C GLU B 74 9.97 8.00 -3.55
N LEU B 75 9.59 9.16 -4.05
CA LEU B 75 10.20 10.40 -3.62
C LEU B 75 9.29 11.28 -2.75
N ILE B 76 9.93 11.98 -1.84
CA ILE B 76 9.26 12.92 -1.00
C ILE B 76 10.01 14.24 -1.17
N MET B 77 9.30 15.27 -1.61
CA MET B 77 9.93 16.52 -2.00
C MET B 77 9.35 17.67 -1.22
N CYS B 78 10.21 18.59 -0.79
CA CYS B 78 9.74 19.84 -0.23
C CYS B 78 9.87 20.90 -1.29
N SER B 79 8.79 21.61 -1.60
CA SER B 79 8.88 22.64 -2.62
C SER B 79 9.47 23.96 -2.11
N ASN B 80 10.78 24.00 -1.93
CA ASN B 80 11.44 25.19 -1.41
C ASN B 80 12.16 25.93 -2.54
N PHE B 81 12.67 27.12 -2.23
CA PHE B 81 13.15 28.03 -3.29
C PHE B 81 14.42 28.75 -2.87
N ASN B 82 14.92 28.46 -1.68
CA ASN B 82 16.00 29.27 -1.05
C ASN B 82 15.69 30.77 -1.04
N GLN B 83 14.52 31.09 -0.46
CA GLN B 83 14.08 32.46 -0.27
C GLN B 83 13.59 32.61 1.15
N ALA B 84 14.20 33.56 1.86
CA ALA B 84 13.92 33.72 3.28
C ALA B 84 12.43 33.99 3.53
N HIS B 85 11.75 34.64 2.60
CA HIS B 85 10.35 34.96 2.84
C HIS B 85 9.45 33.79 2.49
N LEU B 86 10.00 32.70 1.97
CA LEU B 86 9.16 31.56 1.61
C LEU B 86 9.45 30.33 2.48
N GLU B 87 10.49 30.39 3.32
CA GLU B 87 10.91 29.19 4.05
C GLU B 87 11.83 29.51 5.22
N ASN B 88 11.73 28.68 6.26
CA ASN B 88 12.58 28.77 7.44
C ASN B 88 14.00 28.34 7.08
N GLU B 89 14.93 29.23 7.36
CA GLU B 89 16.33 29.04 7.01
C GLU B 89 16.92 27.77 7.67
N ASN B 90 16.68 27.59 8.95
CA ASN B 90 17.27 26.44 9.67
C ASN B 90 16.65 25.14 9.18
N PHE B 91 15.36 25.21 8.85
CA PHE B 91 14.63 24.08 8.31
C PHE B 91 15.34 23.57 7.05
N VAL B 92 15.75 24.51 6.21
CA VAL B 92 16.41 24.14 4.96
C VAL B 92 17.82 23.62 5.24
N LYS B 93 18.56 24.30 6.10
CA LYS B 93 19.92 23.87 6.39
C LYS B 93 19.99 22.47 7.02
N THR B 94 19.00 22.10 7.84
CA THR B 94 19.08 20.83 8.57
C THR B 94 18.21 19.75 7.96
N PHE B 95 17.57 20.08 6.85
CA PHE B 95 16.57 19.20 6.23
C PHE B 95 16.95 17.70 6.14
N TYR B 96 18.09 17.40 5.55
CA TYR B 96 18.45 16.03 5.27
C TYR B 96 18.78 15.25 6.54
N ASP B 97 18.93 15.97 7.65
CA ASP B 97 19.21 15.31 8.92
C ASP B 97 17.96 15.01 9.74
N TYR B 98 16.89 15.74 9.44
CA TYR B 98 15.57 15.47 10.04
C TYR B 98 14.71 14.62 9.11
N PHE B 99 15.02 14.62 7.82
CA PHE B 99 14.21 13.89 6.86
C PHE B 99 15.08 13.14 5.83
N PRO B 100 15.82 12.12 6.28
CA PRO B 100 16.91 11.60 5.45
C PRO B 100 16.48 10.92 4.17
N ASP B 101 15.21 10.55 4.08
CA ASP B 101 14.72 9.89 2.85
C ASP B 101 13.95 10.85 1.93
N ALA B 102 13.93 12.12 2.31
CA ALA B 102 13.27 13.15 1.52
C ALA B 102 14.28 14.02 0.75
N HIS B 103 13.75 14.94 -0.06
CA HIS B 103 14.59 15.80 -0.89
C HIS B 103 14.12 17.23 -0.82
N LEU B 104 15.05 18.18 -0.85
CA LEU B 104 14.70 19.57 -1.04
C LEU B 104 14.43 19.73 -2.53
N GLY B 105 13.24 20.21 -2.87
CA GLY B 105 12.88 20.35 -4.28
C GLY B 105 13.80 21.33 -5.01
N TYR B 106 14.32 22.29 -4.26
CA TYR B 106 15.21 23.28 -4.81
C TYR B 106 16.49 22.66 -5.40
N ASP B 107 16.93 21.50 -4.88
CA ASP B 107 18.10 20.84 -5.48
C ASP B 107 17.87 20.52 -6.97
N PHE B 108 16.60 20.35 -7.36
CA PHE B 108 16.30 20.05 -8.76
C PHE B 108 15.86 21.33 -9.52
N PHE B 109 14.99 22.10 -8.87
CA PHE B 109 14.47 23.36 -9.42
C PHE B 109 15.64 24.20 -9.90
N LYS B 110 16.65 24.33 -9.04
CA LYS B 110 17.74 25.26 -9.32
C LYS B 110 18.62 24.78 -10.47
N GLN B 111 18.47 23.53 -10.89
CA GLN B 111 19.20 23.06 -12.08
C GLN B 111 18.57 23.60 -13.36
N LEU B 112 17.34 24.13 -13.26
CA LEU B 112 16.76 24.86 -14.37
C LEU B 112 17.04 26.34 -14.17
N LYS B 113 18.28 26.74 -14.50
CA LYS B 113 18.77 28.08 -14.21
C LYS B 113 17.92 29.20 -14.85
N ASP B 114 17.57 29.06 -16.12
CA ASP B 114 16.74 30.09 -16.78
C ASP B 114 15.38 30.18 -16.11
N PHE B 115 14.82 29.05 -15.69
CA PHE B 115 13.52 29.08 -15.04
C PHE B 115 13.62 29.61 -13.63
N ASN B 116 14.70 29.26 -12.95
CA ASN B 116 14.92 29.76 -11.60
C ASN B 116 14.99 31.28 -11.66
N ALA B 117 15.80 31.78 -12.58
CA ALA B 117 15.88 33.23 -12.82
C ALA B 117 14.50 33.84 -13.16
N TYR B 118 13.72 33.14 -13.96
CA TYR B 118 12.40 33.61 -14.38
C TYR B 118 11.48 33.63 -13.16
N PHE B 119 11.49 32.54 -12.39
CA PHE B 119 10.69 32.49 -11.18
C PHE B 119 11.06 33.61 -10.23
N LYS B 120 12.34 33.75 -9.93
CA LYS B 120 12.78 34.73 -8.93
C LYS B 120 12.45 36.16 -9.33
N PHE B 121 12.63 36.50 -10.59
CA PHE B 121 12.45 37.88 -11.02
C PHE B 121 10.97 38.25 -10.86
N HIS B 122 10.08 37.32 -11.20
CA HIS B 122 8.66 37.57 -11.14
C HIS B 122 8.15 37.61 -9.69
N GLU B 123 8.72 36.78 -8.84
CA GLU B 123 8.30 36.67 -7.44
C GLU B 123 8.75 37.87 -6.60
N ILE B 124 10.04 38.13 -6.65
CA ILE B 124 10.67 39.19 -5.88
C ILE B 124 10.18 40.57 -6.28
N TYR B 125 10.14 40.82 -7.59
CA TYR B 125 9.87 42.17 -8.06
C TYR B 125 8.40 42.47 -8.39
N PHE B 126 7.64 41.48 -8.82
CA PHE B 126 6.25 41.72 -9.22
C PHE B 126 5.23 40.91 -8.44
N ASN B 127 5.71 40.11 -7.49
CA ASN B 127 4.82 39.35 -6.63
C ASN B 127 3.96 38.42 -7.44
N GLN B 128 4.54 37.90 -8.52
CA GLN B 128 3.85 36.98 -9.40
C GLN B 128 4.42 35.59 -9.14
N ARG B 129 3.57 34.71 -8.62
CA ARG B 129 4.05 33.48 -8.01
C ARG B 129 3.38 32.28 -8.62
N ILE B 130 4.20 31.45 -9.25
CA ILE B 130 3.70 30.20 -9.81
C ILE B 130 3.16 29.36 -8.66
N THR B 131 2.31 28.41 -9.02
CA THR B 131 1.71 27.51 -8.05
C THR B 131 2.53 26.22 -7.92
N SER B 132 2.24 25.43 -6.89
CA SER B 132 2.85 24.13 -6.76
C SER B 132 2.76 23.27 -8.05
N GLY B 133 1.63 23.33 -8.74
CA GLY B 133 1.46 22.61 -9.99
C GLY B 133 2.62 22.85 -10.94
N VAL B 134 2.94 24.11 -11.15
CA VAL B 134 3.99 24.48 -12.09
C VAL B 134 5.37 24.13 -11.51
N TYR B 135 5.51 24.21 -10.18
CA TYR B 135 6.74 23.88 -9.52
C TYR B 135 7.09 22.44 -9.81
N MET B 136 6.09 21.56 -9.72
CA MET B 136 6.25 20.16 -10.04
C MET B 136 6.66 19.91 -11.47
N CYS B 137 6.15 20.71 -12.40
CA CYS B 137 6.59 20.59 -13.78
C CYS B 137 8.06 20.91 -13.88
N ALA B 138 8.51 21.92 -13.14
CA ALA B 138 9.90 22.33 -13.21
C ALA B 138 10.83 21.21 -12.69
N VAL B 139 10.45 20.57 -11.61
CA VAL B 139 11.24 19.48 -11.03
C VAL B 139 11.22 18.24 -11.91
N ALA B 140 10.05 17.97 -12.50
CA ALA B 140 9.94 16.89 -13.47
C ALA B 140 10.90 17.09 -14.64
N ILE B 141 10.93 18.30 -15.17
CA ILE B 141 11.86 18.62 -16.24
C ILE B 141 13.32 18.38 -15.82
N ALA B 142 13.70 18.85 -14.65
CA ALA B 142 15.07 18.65 -14.13
C ALA B 142 15.44 17.16 -14.02
N LEU B 143 14.45 16.36 -13.70
CA LEU B 143 14.62 14.94 -13.46
C LEU B 143 14.63 14.20 -14.82
N GLY B 144 14.46 14.91 -15.92
CA GLY B 144 14.55 14.28 -17.22
C GLY B 144 13.24 13.89 -17.90
N TYR B 145 12.10 14.24 -17.33
CA TYR B 145 10.84 13.99 -17.98
C TYR B 145 10.63 14.88 -19.25
N LYS B 146 10.11 14.28 -20.34
CA LYS B 146 9.93 14.98 -21.63
C LYS B 146 8.46 15.24 -21.98
N GLU B 147 7.57 14.40 -21.48
CA GLU B 147 6.16 14.54 -21.78
C GLU B 147 5.38 14.65 -20.48
N ILE B 148 4.71 15.76 -20.33
CA ILE B 148 4.07 16.09 -19.09
C ILE B 148 2.60 16.20 -19.37
N TYR B 149 1.81 15.42 -18.63
CA TYR B 149 0.37 15.40 -18.75
C TYR B 149 -0.22 16.05 -17.50
N LEU B 150 -0.96 17.13 -17.70
CA LEU B 150 -1.47 17.92 -16.56
C LEU B 150 -2.95 17.65 -16.25
N SER B 151 -3.31 17.83 -14.98
CA SER B 151 -4.66 17.62 -14.52
C SER B 151 -4.77 18.35 -13.21
N GLY B 152 -5.98 18.74 -12.83
CA GLY B 152 -6.20 19.40 -11.55
C GLY B 152 -5.73 20.85 -11.53
N ILE B 153 -5.41 21.37 -12.71
CA ILE B 153 -4.97 22.76 -12.83
C ILE B 153 -6.10 23.63 -13.36
N ASP B 154 -6.69 24.45 -12.49
CA ASP B 154 -7.84 25.26 -12.86
C ASP B 154 -7.72 26.74 -12.46
N PHE B 155 -6.53 27.15 -12.05
CA PHE B 155 -6.21 28.56 -11.80
C PHE B 155 -7.10 29.22 -10.76
N TYR B 156 -7.65 28.43 -9.85
CA TYR B 156 -8.49 28.96 -8.75
C TYR B 156 -9.75 29.71 -9.25
N GLN B 157 -10.46 29.07 -10.18
CA GLN B 157 -11.79 29.49 -10.69
C GLN B 157 -11.66 30.38 -11.92
N SER B 161 -10.94 26.70 -3.97
CA SER B 161 -11.83 25.63 -4.39
C SER B 161 -11.02 24.45 -4.91
N TYR B 162 -11.34 23.26 -4.40
CA TYR B 162 -10.57 22.08 -4.67
C TYR B 162 -11.45 20.94 -5.14
N ALA B 163 -10.84 19.77 -5.33
CA ALA B 163 -11.59 18.58 -5.74
C ALA B 163 -12.15 17.89 -4.51
N PHE B 164 -12.12 18.59 -3.38
CA PHE B 164 -12.55 18.01 -2.13
C PHE B 164 -12.84 19.13 -1.13
N ASP B 165 -13.48 18.77 -0.03
CA ASP B 165 -13.66 19.67 1.07
C ASP B 165 -12.33 19.74 1.84
N THR B 166 -11.62 20.86 1.75
CA THR B 166 -10.37 20.99 2.50
C THR B 166 -10.61 21.58 3.86
N LYS B 167 -11.83 22.05 4.10
CA LYS B 167 -12.13 22.68 5.37
C LYS B 167 -12.18 21.66 6.50
N GLN B 168 -11.09 20.92 6.69
CA GLN B 168 -11.03 19.88 7.72
C GLN B 168 -10.41 20.41 8.99
N LYS B 169 -10.69 19.77 10.12
CA LYS B 169 -10.36 20.36 11.43
C LYS B 169 -8.87 20.49 11.76
N ASN B 170 -8.10 19.44 11.55
CA ASN B 170 -6.67 19.56 11.82
C ASN B 170 -6.05 20.63 10.94
N LEU B 171 -6.39 20.61 9.66
CA LEU B 171 -5.77 21.56 8.74
C LEU B 171 -6.17 23.02 9.03
N LEU B 172 -7.37 23.25 9.54
CA LEU B 172 -7.82 24.60 9.86
C LEU B 172 -7.15 25.10 11.13
N LYS B 173 -6.88 24.18 12.05
CA LYS B 173 -6.13 24.50 13.25
C LYS B 173 -4.67 24.83 12.90
N LEU B 174 -4.08 24.05 11.99
CA LEU B 174 -2.71 24.31 11.57
C LEU B 174 -2.61 25.51 10.63
N ALA B 175 -3.60 25.69 9.76
CA ALA B 175 -3.52 26.74 8.75
C ALA B 175 -4.84 27.49 8.60
N PRO B 176 -5.26 28.23 9.64
CA PRO B 176 -6.61 28.82 9.68
C PRO B 176 -6.99 29.43 8.33
N ASN B 177 -5.98 29.89 7.61
CA ASN B 177 -6.16 30.51 6.31
C ASN B 177 -7.18 29.77 5.46
N PHE B 178 -7.20 28.44 5.56
CA PHE B 178 -8.16 27.66 4.79
C PHE B 178 -9.62 27.91 5.23
N LYS B 179 -9.81 28.74 6.24
CA LYS B 179 -11.17 29.15 6.66
C LYS B 179 -11.93 29.86 5.52
N ASN B 180 -11.17 30.55 4.65
CA ASN B 180 -11.75 31.38 3.59
C ASN B 180 -11.66 30.69 2.23
N ASP B 181 -12.38 31.24 1.25
CA ASP B 181 -12.39 30.67 -0.10
C ASP B 181 -11.22 31.20 -0.92
N ASN B 182 -10.80 32.43 -0.63
CA ASN B 182 -9.55 32.94 -1.19
C ASN B 182 -8.40 32.69 -0.22
N SER B 183 -8.14 31.41 0.05
CA SER B 183 -7.08 31.00 0.96
C SER B 183 -5.80 30.65 0.22
N HIS B 184 -5.81 30.82 -1.11
CA HIS B 184 -4.60 30.70 -1.92
C HIS B 184 -3.87 32.04 -1.94
N TYR B 185 -2.69 32.07 -2.53
CA TYR B 185 -1.87 33.28 -2.57
C TYR B 185 -2.34 34.27 -3.64
N ILE B 186 -2.49 35.52 -3.22
CA ILE B 186 -2.94 36.59 -4.11
C ILE B 186 -2.10 36.60 -5.38
N GLY B 187 -0.83 36.25 -5.22
CA GLY B 187 0.15 36.34 -6.30
C GLY B 187 -0.01 35.33 -7.42
N HIS B 188 -0.75 34.26 -7.17
CA HIS B 188 -1.02 33.27 -8.22
C HIS B 188 -2.05 33.88 -9.18
N SER B 189 -2.01 33.48 -10.45
CA SER B 189 -3.03 33.88 -11.40
C SER B 189 -2.98 32.93 -12.59
N LYS B 190 -3.99 32.99 -13.44
CA LYS B 190 -4.02 32.16 -14.63
C LYS B 190 -2.78 32.44 -15.51
N ASN B 191 -2.53 33.71 -15.75
CA ASN B 191 -1.55 34.10 -16.75
C ASN B 191 -0.13 33.77 -16.27
N THR B 192 0.12 33.99 -14.99
CA THR B 192 1.43 33.69 -14.45
C THR B 192 1.73 32.22 -14.64
N ASP B 193 0.78 31.35 -14.29
CA ASP B 193 1.00 29.93 -14.46
C ASP B 193 1.13 29.57 -15.92
N ILE B 194 0.29 30.15 -16.75
CA ILE B 194 0.35 29.84 -18.15
C ILE B 194 1.69 30.24 -18.77
N LYS B 195 2.08 31.50 -18.58
CA LYS B 195 3.36 31.99 -19.09
C LYS B 195 4.54 31.19 -18.54
N ALA B 196 4.45 30.75 -17.29
CA ALA B 196 5.55 29.96 -16.71
C ALA B 196 5.66 28.63 -17.45
N LEU B 197 4.51 28.03 -17.77
CA LEU B 197 4.47 26.77 -18.48
C LEU B 197 5.01 26.88 -19.92
N GLU B 198 4.70 27.98 -20.59
CA GLU B 198 5.15 28.14 -21.95
C GLU B 198 6.63 28.41 -21.98
N PHE B 199 7.12 29.14 -20.99
CA PHE B 199 8.55 29.35 -20.83
C PHE B 199 9.27 28.02 -20.66
N LEU B 200 8.76 27.17 -19.78
CA LEU B 200 9.33 25.84 -19.59
C LEU B 200 9.35 25.12 -20.93
N GLU B 201 8.23 25.18 -21.66
CA GLU B 201 8.10 24.49 -22.95
C GLU B 201 9.11 25.00 -23.95
N LYS B 202 9.27 26.31 -23.99
CA LYS B 202 10.16 26.93 -24.95
C LYS B 202 11.61 26.63 -24.62
N THR B 203 11.95 26.82 -23.36
CA THR B 203 13.33 26.75 -22.92
C THR B 203 13.86 25.30 -22.85
N TYR B 204 13.05 24.36 -22.36
CA TYR B 204 13.54 23.00 -22.15
C TYR B 204 12.99 22.00 -23.18
N LYS B 205 12.23 22.52 -24.13
CA LYS B 205 11.77 21.73 -25.27
C LYS B 205 11.04 20.45 -24.80
N ILE B 206 10.08 20.62 -23.92
CA ILE B 206 9.29 19.50 -23.45
C ILE B 206 7.86 19.65 -23.96
N LYS B 207 7.05 18.62 -23.76
CA LYS B 207 5.72 18.62 -24.30
C LYS B 207 4.70 18.63 -23.17
N LEU B 208 3.75 19.55 -23.25
CA LEU B 208 2.69 19.63 -22.26
C LEU B 208 1.40 19.18 -22.89
N TYR B 209 0.60 18.48 -22.10
CA TYR B 209 -0.66 17.91 -22.54
C TYR B 209 -1.72 18.08 -21.48
N CYS B 210 -2.95 18.28 -21.92
CA CYS B 210 -4.07 18.50 -21.02
C CYS B 210 -4.93 17.26 -20.99
N LEU B 211 -5.13 16.69 -19.80
CA LEU B 211 -5.97 15.48 -19.63
C LEU B 211 -7.44 15.81 -19.33
N CYS B 212 -7.74 17.08 -19.10
CA CYS B 212 -9.06 17.49 -18.68
C CYS B 212 -9.69 18.43 -19.69
N PRO B 213 -10.42 17.89 -20.69
CA PRO B 213 -10.96 18.70 -21.79
C PRO B 213 -11.87 19.87 -21.41
N ASN B 214 -12.44 19.87 -20.20
CA ASN B 214 -13.40 20.92 -19.86
C ASN B 214 -12.81 21.92 -18.91
N SER B 215 -11.56 21.69 -18.55
CA SER B 215 -10.83 22.63 -17.71
C SER B 215 -10.45 23.85 -18.56
N LEU B 216 -10.34 25.02 -17.93
CA LEU B 216 -9.79 26.21 -18.59
C LEU B 216 -8.39 25.98 -19.15
N LEU B 217 -7.72 24.95 -18.63
CA LEU B 217 -6.38 24.62 -19.08
C LEU B 217 -6.37 24.27 -20.56
N ALA B 218 -7.44 23.66 -21.03
CA ALA B 218 -7.52 23.15 -22.39
C ALA B 218 -7.62 24.26 -23.43
N ASN B 219 -7.71 25.51 -22.96
CA ASN B 219 -7.70 26.66 -23.87
C ASN B 219 -6.28 27.08 -24.16
N PHE B 220 -5.34 26.61 -23.36
CA PHE B 220 -3.94 27.03 -23.48
C PHE B 220 -3.00 25.90 -23.86
N ILE B 221 -3.38 24.70 -23.48
CA ILE B 221 -2.54 23.56 -23.72
C ILE B 221 -3.26 22.51 -24.53
N GLY B 222 -2.55 21.91 -25.48
CA GLY B 222 -3.14 20.90 -26.37
C GLY B 222 -3.52 19.67 -25.57
N LEU B 223 -4.67 19.10 -25.93
CA LEU B 223 -5.20 17.90 -25.30
C LEU B 223 -4.28 16.69 -25.46
N ALA B 224 -4.21 15.84 -24.45
CA ALA B 224 -3.54 14.55 -24.61
C ALA B 224 -4.27 13.76 -25.72
N PRO B 225 -3.51 13.03 -26.54
CA PRO B 225 -4.08 12.25 -27.66
C PRO B 225 -5.05 11.16 -27.19
N ASN B 226 -6.16 11.01 -27.91
CA ASN B 226 -7.11 9.96 -27.60
C ASN B 226 -6.52 8.59 -27.90
N LEU B 227 -6.29 7.80 -26.84
CA LEU B 227 -5.67 6.49 -26.99
C LEU B 227 -6.66 5.34 -26.77
N ASN B 228 -7.89 5.69 -26.41
CA ASN B 228 -8.88 4.68 -26.04
C ASN B 228 -8.41 3.85 -24.84
N SER B 229 -7.70 4.48 -23.93
CA SER B 229 -7.19 3.76 -22.77
C SER B 229 -8.34 3.55 -21.78
N ASN B 230 -8.25 2.50 -20.96
CA ASN B 230 -9.22 2.29 -19.88
C ASN B 230 -8.52 2.48 -18.55
N PHE B 231 -9.30 2.78 -17.53
CA PHE B 231 -8.75 3.05 -16.21
C PHE B 231 -9.84 2.98 -15.16
N ILE B 232 -9.72 2.01 -14.25
CA ILE B 232 -10.70 1.86 -13.20
C ILE B 232 -10.37 2.83 -12.08
N ILE B 233 -11.36 3.62 -11.68
CA ILE B 233 -11.23 4.50 -10.55
C ILE B 233 -11.70 3.76 -9.30
N GLN B 234 -10.76 3.35 -8.45
CA GLN B 234 -11.11 2.64 -7.22
C GLN B 234 -11.57 3.60 -6.13
N GLU B 235 -12.54 3.15 -5.34
CA GLU B 235 -13.11 3.98 -4.28
C GLU B 235 -12.22 3.97 -3.06
N LYS B 236 -12.25 5.06 -2.32
CA LYS B 236 -11.67 5.10 -0.99
C LYS B 236 -12.86 5.09 -0.03
N ASN B 237 -12.75 4.35 1.08
CA ASN B 237 -13.91 4.28 2.00
C ASN B 237 -13.63 4.71 3.45
N ASN B 238 -12.49 4.34 4.02
CA ASN B 238 -12.24 4.69 5.42
C ASN B 238 -10.88 5.31 5.54
N TYR B 239 -10.72 6.45 4.90
CA TYR B 239 -9.40 6.96 4.60
C TYR B 239 -9.03 8.21 5.38
N THR B 240 -7.74 8.56 5.27
CA THR B 240 -7.21 9.75 5.92
C THR B 240 -7.57 10.96 5.06
N LYS B 241 -8.47 11.78 5.60
CA LYS B 241 -9.05 12.89 4.90
C LYS B 241 -8.70 14.19 5.58
N ASP B 242 -7.71 14.13 6.47
CA ASP B 242 -7.22 15.32 7.15
C ASP B 242 -5.74 15.14 7.51
N ILE B 243 -5.05 16.25 7.75
CA ILE B 243 -3.65 16.19 8.16
C ILE B 243 -3.60 15.82 9.64
N LEU B 244 -2.56 15.08 10.00
CA LEU B 244 -2.26 14.64 11.38
C LEU B 244 -1.28 15.57 12.08
N ILE B 245 -1.47 15.73 13.39
CA ILE B 245 -0.73 16.69 14.19
C ILE B 245 0.23 15.97 15.11
N PRO B 246 1.54 16.15 14.91
CA PRO B 246 2.51 15.52 15.81
C PRO B 246 2.34 15.96 17.28
N SER B 247 2.86 15.16 18.19
CA SER B 247 2.83 15.48 19.63
C SER B 247 3.58 16.77 19.95
N SER B 248 3.34 17.28 21.16
CA SER B 248 4.08 18.42 21.71
C SER B 248 5.57 18.12 21.88
N GLU B 249 5.89 16.86 22.16
CA GLU B 249 7.29 16.41 22.16
C GLU B 249 7.94 16.58 20.80
N ALA B 250 7.26 16.10 19.76
CA ALA B 250 7.77 16.22 18.40
C ALA B 250 8.05 17.68 18.04
N TYR B 251 7.10 18.55 18.33
CA TYR B 251 7.29 19.98 18.09
C TYR B 251 8.47 20.52 18.88
N GLY B 252 8.56 20.20 20.17
CA GLY B 252 9.74 20.60 20.94
C GLY B 252 11.03 20.26 20.20
N LYS B 253 11.14 19.02 19.73
CA LYS B 253 12.35 18.61 19.02
C LYS B 253 12.58 19.40 17.71
N PHE B 254 11.50 19.86 17.06
CA PHE B 254 11.60 20.51 15.75
C PHE B 254 11.51 22.04 15.79
N SER B 255 11.43 22.62 16.99
CA SER B 255 11.07 24.03 17.15
C SER B 255 11.99 25.04 16.46
N LYS B 256 13.26 24.69 16.25
CA LYS B 256 14.21 25.62 15.62
C LYS B 256 13.96 25.74 14.12
N ASN B 257 13.18 24.81 13.59
CA ASN B 257 12.96 24.70 12.14
C ASN B 257 11.56 25.20 11.76
N ILE B 258 10.86 25.75 12.73
CA ILE B 258 9.47 26.18 12.55
C ILE B 258 9.30 27.66 12.85
N ASN B 259 8.65 28.35 11.92
CA ASN B 259 8.34 29.77 12.07
C ASN B 259 7.14 30.01 12.99
C1 EDO C . -4.10 -25.56 -6.83
O1 EDO C . -3.86 -26.98 -6.82
C2 EDO C . -2.83 -24.81 -6.43
O2 EDO C . -3.10 -23.41 -6.36
OP3 CH D . -1.37 -15.11 10.81
P CH D . -1.85 -13.76 10.09
OP1 CH D . -1.59 -12.59 10.97
OP2 CH D . -3.35 -13.94 9.74
O5' CH D . -1.04 -13.74 8.70
C5' CH D . -0.90 -14.93 7.97
C4' CH D . 0.57 -15.43 8.08
O4' CH D . 1.45 -14.64 7.21
C3' CH D . 1.15 -15.25 9.51
O3' CH D . 0.81 -16.36 10.34
C2' CH D . 2.67 -15.23 9.23
O2' CH D . 3.20 -16.52 8.92
C1' CH D . 2.68 -14.41 7.93
N1 CH D . 2.84 -12.97 8.18
C2 CH D . 4.14 -12.55 8.34
O2 CH D . 5.01 -13.41 8.26
N3 CH D . 4.44 -11.20 8.54
C4 CH D . 3.38 -10.29 8.58
N4 CH D . 3.66 -9.00 8.79
C5 CH D . 2.06 -10.72 8.46
C6 CH D . 1.79 -12.07 8.23
C1 EDO E . 14.02 36.13 -17.14
O1 EDO E . 14.45 37.07 -16.15
C2 EDO E . 15.24 35.57 -17.87
O2 EDO E . 15.41 34.17 -17.59
OP3 CH F . -2.29 23.30 -1.96
P CH F . -2.51 23.88 -3.48
OP1 CH F . -1.38 24.63 -4.08
OP2 CH F . -3.72 24.90 -3.35
O5' CH F . -2.96 22.64 -4.27
C5' CH F . -3.43 22.79 -5.56
C4' CH F . -2.34 22.82 -6.57
O4' CH F . -3.10 22.42 -7.72
C3' CH F . -2.03 24.31 -6.74
O3' CH F . -0.65 24.60 -6.50
C2' CH F . -2.35 24.60 -8.17
O2' CH F . -1.26 24.27 -8.98
C1' CH F . -3.46 23.60 -8.48
N1 CH F . -4.81 24.15 -8.23
C2 CH F . -5.45 24.84 -9.29
O2 CH F . -4.90 24.97 -10.37
N3 CH F . -6.75 25.35 -9.09
C4 CH F . -7.38 25.20 -7.85
N4 CH F . -8.60 25.70 -7.67
C5 CH F . -6.73 24.54 -6.80
C6 CH F . -5.45 24.00 -6.99
#